data_3HSA
#
_entry.id   3HSA
#
_cell.length_a   33.230
_cell.length_b   129.490
_cell.length_c   138.730
_cell.angle_alpha   90.00
_cell.angle_beta   90.00
_cell.angle_gamma   90.00
#
_symmetry.space_group_name_H-M   'P 21 21 21'
#
loop_
_entity.id
_entity.type
_entity.pdbx_description
1 polymer 'pleckstrin homology domain'
2 non-polymer GLYCEROL
3 non-polymer DI(HYDROXYETHYL)ETHER
4 water water
#
_entity_poly.entity_id   1
_entity_poly.type   'polypeptide(L)'
_entity_poly.pdbx_seq_one_letter_code
;G(MSE)GFLDAL(MSE)GNASEVDLG(MLY)LAAELSPILGDNEELQLAY(MLY)(MSE)VRDLFVFTS(MLY)RLILID
(MLY)QGVTG(MLY)(MLY)VSYHSIPY(MLY)AIVHFQVETAGTFD(MSE)DAEL(MLY)LWISGQHEPLV(MLY)EL
(MLY)RGTDVVGIQ(MLY)TIARYALG
;
_entity_poly.pdbx_strand_id   A,B,C,D,E
#
# COMPACT_ATOMS: atom_id res chain seq x y z
N GLY A 3 34.41 7.33 20.08
CA GLY A 3 33.88 7.90 21.33
C GLY A 3 34.17 6.94 22.49
N PHE A 4 34.15 7.42 23.73
CA PHE A 4 34.53 6.54 24.88
C PHE A 4 33.77 5.21 24.98
N LEU A 5 32.48 5.27 24.67
CA LEU A 5 31.59 4.11 24.82
C LEU A 5 31.19 3.46 23.47
N ASP A 6 31.66 4.01 22.34
CA ASP A 6 31.29 3.45 21.01
C ASP A 6 31.73 2.01 20.82
N ALA A 7 32.94 1.69 21.26
CA ALA A 7 33.47 0.35 21.14
C ALA A 7 32.64 -0.63 21.97
N LEU A 8 32.45 -0.33 23.26
CA LEU A 8 31.69 -1.22 24.12
C LEU A 8 30.24 -1.42 23.62
N GLY A 10 29.05 -1.37 20.71
CA GLY A 10 29.09 -2.27 19.56
C GLY A 10 29.28 -3.71 20.00
N ASN A 11 30.20 -3.96 20.94
CA ASN A 11 30.37 -5.33 21.44
C ASN A 11 29.13 -5.84 22.17
N ALA A 12 28.40 -4.95 22.86
CA ALA A 12 27.27 -5.36 23.71
C ALA A 12 26.12 -6.03 22.93
N SER A 13 25.88 -5.60 21.70
CA SER A 13 24.82 -6.19 20.85
C SER A 13 25.38 -6.96 19.65
N GLU A 14 26.67 -7.27 19.69
CA GLU A 14 27.37 -8.00 18.63
C GLU A 14 26.99 -9.45 18.60
N VAL A 15 26.90 -9.99 17.39
CA VAL A 15 26.64 -11.42 17.20
C VAL A 15 27.67 -11.92 16.16
N ASP A 16 28.19 -13.13 16.33
CA ASP A 16 29.08 -13.71 15.32
C ASP A 16 28.26 -14.04 14.05
N LEU A 17 28.46 -13.28 13.00
CA LEU A 17 27.72 -13.49 11.76
C LEU A 17 28.04 -14.80 11.10
N GLY A 18 29.27 -15.30 11.29
CA GLY A 18 29.67 -16.57 10.73
C GLY A 18 28.89 -17.71 11.32
N LEU A 20 26.04 -17.41 12.86
CA LEU A 20 24.61 -17.17 12.56
C LEU A 20 24.28 -17.61 11.11
N ALA A 21 25.18 -17.28 10.19
CA ALA A 21 24.98 -17.63 8.79
C ALA A 21 24.95 -19.13 8.63
N ALA A 22 25.84 -19.84 9.31
CA ALA A 22 25.87 -21.28 9.24
C ALA A 22 24.52 -21.84 9.71
N GLU A 23 23.97 -21.29 10.78
CA GLU A 23 22.71 -21.85 11.27
C GLU A 23 21.45 -21.43 10.51
N LEU A 24 21.44 -20.18 10.03
CA LEU A 24 20.29 -19.66 9.26
C LEU A 24 20.33 -20.05 7.77
N SER A 25 21.48 -20.49 7.24
CA SER A 25 21.60 -20.72 5.81
C SER A 25 20.53 -21.61 5.17
N PRO A 26 20.00 -22.63 5.89
CA PRO A 26 18.94 -23.44 5.29
C PRO A 26 17.65 -22.70 4.86
N ILE A 27 17.39 -21.51 5.44
CA ILE A 27 16.23 -20.71 5.09
C ILE A 27 16.56 -19.40 4.37
N LEU A 28 17.82 -19.18 4.02
CA LEU A 28 18.21 -18.00 3.31
C LEU A 28 18.23 -18.29 1.83
N GLY A 29 17.93 -17.30 0.99
CA GLY A 29 18.04 -17.41 -0.46
C GLY A 29 19.49 -17.63 -0.84
N ASP A 30 19.74 -18.29 -1.97
CA ASP A 30 21.15 -18.54 -2.36
C ASP A 30 21.83 -17.21 -2.70
N ASN A 31 21.06 -16.21 -3.11
CA ASN A 31 21.60 -14.88 -3.39
C ASN A 31 21.46 -13.92 -2.18
N GLU A 32 21.49 -14.47 -0.94
CA GLU A 32 21.25 -13.66 0.26
C GLU A 32 22.44 -13.76 1.19
N GLU A 33 22.85 -12.65 1.76
CA GLU A 33 23.94 -12.63 2.73
C GLU A 33 23.55 -11.88 3.98
N LEU A 34 24.03 -12.35 5.14
CA LEU A 34 23.84 -11.62 6.37
C LEU A 34 24.80 -10.45 6.32
N GLN A 35 24.35 -9.30 6.77
CA GLN A 35 25.16 -8.09 6.70
C GLN A 35 25.45 -7.51 8.06
N LEU A 36 24.43 -7.43 8.92
CA LEU A 36 24.61 -6.94 10.28
C LEU A 36 23.64 -7.67 11.18
N ALA A 37 23.96 -7.71 12.46
CA ALA A 37 23.02 -8.29 13.44
C ALA A 37 23.15 -7.56 14.77
N TYR A 38 22.01 -7.42 15.47
CA TYR A 38 21.93 -6.77 16.76
C TYR A 38 21.18 -7.69 17.74
N VAL A 41 17.80 -6.80 23.99
CA VAL A 41 17.30 -7.40 25.22
C VAL A 41 16.56 -8.69 25.02
N ARG A 42 15.56 -8.71 24.16
CA ARG A 42 14.82 -9.94 23.95
C ARG A 42 14.64 -10.32 22.47
N ASP A 43 15.34 -9.64 21.58
CA ASP A 43 15.16 -9.88 20.15
C ASP A 43 16.51 -9.82 19.47
N LEU A 44 16.68 -10.68 18.46
CA LEU A 44 17.83 -10.66 17.58
C LEU A 44 17.34 -10.06 16.26
N PHE A 45 17.89 -8.91 15.90
CA PHE A 45 17.58 -8.25 14.60
C PHE A 45 18.70 -8.70 13.64
N VAL A 46 18.36 -9.44 12.60
CA VAL A 46 19.34 -9.91 11.61
C VAL A 46 19.09 -9.17 10.30
N PHE A 47 20.00 -8.29 9.92
CA PHE A 47 19.86 -7.57 8.66
C PHE A 47 20.56 -8.30 7.54
N THR A 48 19.77 -8.84 6.61
CA THR A 48 20.33 -9.48 5.44
C THR A 48 20.32 -8.45 4.29
N SER A 49 20.85 -8.87 3.14
CA SER A 49 20.83 -8.05 1.94
C SER A 49 19.38 -7.89 1.43
N ARG A 51 16.21 -8.77 3.69
CA ARG A 51 15.19 -8.57 4.71
C ARG A 51 15.79 -8.47 6.11
N LEU A 52 14.97 -7.92 7.01
CA LEU A 52 15.18 -8.01 8.40
C LEU A 52 14.53 -9.31 8.87
N ILE A 53 15.31 -10.16 9.52
CA ILE A 53 14.76 -11.33 10.18
C ILE A 53 14.81 -11.01 11.65
N LEU A 54 13.64 -10.87 12.24
CA LEU A 54 13.51 -10.54 13.63
C LEU A 54 13.22 -11.89 14.35
N ILE A 55 14.13 -12.27 15.25
CA ILE A 55 14.07 -13.55 15.94
C ILE A 55 13.87 -13.36 17.42
N ASP A 56 12.83 -13.99 17.98
CA ASP A 56 12.59 -13.89 19.42
C ASP A 56 11.87 -15.13 19.94
N GLN A 58 8.73 -16.92 21.73
CA GLN A 58 7.31 -16.68 21.86
C GLN A 58 6.65 -17.92 22.46
N GLY A 59 5.31 -17.89 22.57
CA GLY A 59 4.52 -18.97 23.15
C GLY A 59 4.14 -18.70 24.60
N VAL A 60 3.12 -19.41 25.07
CA VAL A 60 2.60 -19.25 26.43
C VAL A 60 3.66 -19.45 27.51
N THR A 61 4.65 -20.31 27.24
CA THR A 61 5.74 -20.57 28.19
C THR A 61 7.10 -20.26 27.61
N GLY A 62 7.13 -19.45 26.54
CA GLY A 62 8.38 -19.08 25.90
C GLY A 62 9.18 -20.21 25.26
N VAL A 65 10.24 -20.43 19.04
CA VAL A 65 11.15 -19.43 18.48
C VAL A 65 10.49 -18.91 17.22
N SER A 66 10.43 -17.59 17.11
CA SER A 66 9.79 -16.93 15.96
C SER A 66 10.88 -16.32 15.05
N TYR A 67 10.81 -16.66 13.74
CA TYR A 67 11.66 -16.09 12.68
C TYR A 67 10.75 -15.23 11.78
N HIS A 68 10.72 -13.94 12.00
CA HIS A 68 9.85 -13.04 11.29
C HIS A 68 10.64 -12.32 10.22
N SER A 69 10.34 -12.66 8.96
CA SER A 69 10.99 -12.08 7.81
C SER A 69 10.23 -10.85 7.35
N ILE A 70 10.93 -9.72 7.39
CA ILE A 70 10.37 -8.43 7.01
C ILE A 70 11.19 -7.86 5.85
N PRO A 71 10.74 -8.05 4.61
CA PRO A 71 11.39 -7.39 3.49
C PRO A 71 11.44 -5.87 3.74
N TYR A 72 12.53 -5.23 3.36
CA TYR A 72 12.70 -3.83 3.74
C TYR A 72 11.62 -2.93 3.12
N ALA A 74 8.63 -3.55 3.05
CA ALA A 74 7.43 -3.64 3.90
C ALA A 74 7.46 -2.73 5.13
N ILE A 75 8.59 -2.06 5.37
CA ILE A 75 8.67 -1.15 6.54
C ILE A 75 8.08 0.15 6.07
N VAL A 76 6.93 0.55 6.61
CA VAL A 76 6.24 1.73 6.06
C VAL A 76 6.73 3.00 6.72
N HIS A 77 6.82 2.95 8.04
CA HIS A 77 7.38 4.05 8.83
C HIS A 77 7.83 3.47 10.12
N PHE A 78 8.54 4.26 10.90
CA PHE A 78 9.14 3.77 12.14
C PHE A 78 9.40 4.92 13.11
N GLN A 79 9.42 4.57 14.39
CA GLN A 79 9.56 5.55 15.45
C GLN A 79 10.42 5.01 16.56
N VAL A 80 11.26 5.88 17.15
CA VAL A 80 12.03 5.50 18.32
C VAL A 80 11.72 6.56 19.36
N GLU A 81 11.46 6.10 20.58
CA GLU A 81 11.03 6.92 21.68
C GLU A 81 11.80 6.58 22.96
N THR A 82 12.09 7.58 23.77
CA THR A 82 12.59 7.36 25.15
C THR A 82 11.69 6.35 25.87
N ALA A 83 12.27 5.32 26.51
CA ALA A 83 11.49 4.30 27.26
C ALA A 83 12.16 3.92 28.59
N GLY A 84 11.45 3.14 29.40
CA GLY A 84 11.91 2.74 30.75
C GLY A 84 11.55 3.74 31.85
N THR A 85 11.28 3.26 33.06
CA THR A 85 10.90 4.15 34.19
C THR A 85 11.90 5.28 34.43
N PHE A 86 13.19 4.97 34.25
CA PHE A 86 14.28 5.92 34.48
C PHE A 86 14.63 6.75 33.24
N ASP A 87 13.93 6.48 32.13
CA ASP A 87 14.10 7.17 30.83
C ASP A 87 15.49 6.96 30.18
N ASP A 89 16.30 4.04 28.34
CA ASP A 89 16.25 3.13 27.21
C ASP A 89 15.46 3.69 26.02
N ALA A 90 15.15 2.84 25.06
CA ALA A 90 14.36 3.30 23.95
C ALA A 90 13.35 2.24 23.55
N GLU A 91 12.31 2.68 22.88
CA GLU A 91 11.32 1.80 22.36
C GLU A 91 11.23 2.08 20.86
N LEU A 92 11.42 1.03 20.07
CA LEU A 92 11.30 1.08 18.59
C LEU A 92 9.92 0.58 18.21
N LEU A 94 7.98 -0.33 14.64
CA LEU A 94 8.12 -0.57 13.23
C LEU A 94 6.73 -0.86 12.67
N TRP A 95 6.25 -0.04 11.74
CA TRP A 95 4.95 -0.32 11.09
C TRP A 95 5.19 -1.07 9.82
N ILE A 96 4.65 -2.29 9.79
CA ILE A 96 4.78 -3.16 8.64
CA ILE A 96 4.77 -3.19 8.65
C ILE A 96 3.53 -3.06 7.78
N SER A 97 3.74 -3.03 6.48
CA SER A 97 2.68 -2.97 5.52
C SER A 97 1.55 -3.97 5.82
N GLY A 98 0.31 -3.46 5.88
CA GLY A 98 -0.87 -4.26 6.18
C GLY A 98 -1.27 -4.33 7.64
N GLN A 99 -0.41 -3.86 8.56
CA GLN A 99 -0.66 -3.92 9.99
C GLN A 99 -0.83 -2.51 10.50
N HIS A 100 -1.97 -2.20 11.11
CA HIS A 100 -2.19 -0.84 11.63
CA HIS A 100 -2.25 -0.86 11.67
C HIS A 100 -1.45 -0.61 12.95
N GLU A 101 -1.15 -1.70 13.66
CA GLU A 101 -0.41 -1.61 14.91
C GLU A 101 1.06 -1.90 14.68
N PRO A 102 1.91 -1.17 15.38
CA PRO A 102 3.33 -1.36 15.19
C PRO A 102 3.88 -2.59 15.92
N LEU A 103 4.96 -3.15 15.40
CA LEU A 103 5.77 -4.08 16.16
C LEU A 103 6.54 -3.19 17.12
N VAL A 104 6.50 -3.54 18.40
CA VAL A 104 7.11 -2.73 19.40
C VAL A 104 8.27 -3.48 20.04
N GLU A 106 12.01 -3.37 22.49
CA GLU A 106 12.81 -2.68 23.48
C GLU A 106 14.29 -2.63 23.07
N LEU A 107 14.91 -1.49 23.19
CA LEU A 107 16.34 -1.34 22.93
C LEU A 107 16.94 -0.82 24.24
N ARG A 109 19.90 0.86 26.76
CA ARG A 109 21.08 1.68 26.76
C ARG A 109 22.18 0.76 27.19
N GLY A 110 23.35 0.90 26.56
CA GLY A 110 24.45 -0.05 26.76
C GLY A 110 24.73 -0.82 25.46
N THR A 111 23.70 -0.96 24.64
CA THR A 111 23.81 -1.61 23.33
C THR A 111 23.83 -0.54 22.24
N ASP A 112 24.01 -0.97 20.98
CA ASP A 112 24.15 -0.06 19.86
C ASP A 112 22.79 0.48 19.40
N VAL A 113 22.20 1.35 20.22
CA VAL A 113 20.86 1.88 20.01
C VAL A 113 20.85 2.87 18.87
N VAL A 114 21.88 3.74 18.86
CA VAL A 114 22.05 4.71 17.78
CA VAL A 114 22.04 4.71 17.78
C VAL A 114 22.35 3.98 16.48
N GLY A 115 23.17 2.94 16.56
CA GLY A 115 23.54 2.18 15.36
C GLY A 115 22.37 1.47 14.68
N ILE A 116 21.49 0.88 15.49
CA ILE A 116 20.38 0.15 14.93
C ILE A 116 19.37 1.08 14.23
N GLN A 117 19.23 2.28 14.74
CA GLN A 117 18.37 3.32 14.12
C GLN A 117 18.96 3.72 12.79
N THR A 119 20.94 1.88 10.95
CA THR A 119 20.82 0.73 10.05
C THR A 119 19.41 0.64 9.44
N ILE A 120 18.38 0.85 10.27
CA ILE A 120 16.98 0.81 9.81
C ILE A 120 16.74 1.89 8.77
N ALA A 121 17.21 3.12 9.03
CA ALA A 121 17.18 4.20 8.06
C ALA A 121 17.88 3.82 6.75
N ARG A 122 19.07 3.23 6.84
CA ARG A 122 19.81 2.82 5.65
C ARG A 122 19.03 1.86 4.74
N TYR A 123 18.44 0.83 5.33
CA TYR A 123 17.74 -0.19 4.56
C TYR A 123 16.32 0.18 4.14
N ALA A 124 15.61 0.91 4.99
CA ALA A 124 14.23 1.23 4.73
C ALA A 124 14.10 2.40 3.74
N LEU A 125 15.03 3.34 3.80
CA LEU A 125 14.99 4.51 2.93
C LEU A 125 15.89 4.32 1.70
N GLY A 126 16.76 3.30 1.72
CA GLY A 126 17.63 3.02 0.56
N GLY B 3 -19.83 32.93 -17.79
CA GLY B 3 -20.16 32.52 -19.19
C GLY B 3 -20.24 31.03 -19.33
N PHE B 4 -21.25 30.39 -18.74
CA PHE B 4 -21.44 28.93 -18.88
C PHE B 4 -21.60 28.51 -20.34
N LEU B 5 -22.36 29.27 -21.11
CA LEU B 5 -22.54 29.01 -22.55
C LEU B 5 -21.21 29.11 -23.28
N ASP B 6 -20.36 30.06 -22.89
CA ASP B 6 -18.99 30.12 -23.41
C ASP B 6 -18.21 28.82 -23.11
N ALA B 7 -18.44 28.22 -21.94
CA ALA B 7 -17.79 26.96 -21.54
C ALA B 7 -18.23 25.87 -22.48
N LEU B 8 -19.54 25.65 -22.55
CA LEU B 8 -20.11 24.86 -23.64
C LEU B 8 -19.72 25.72 -24.86
N GLY B 10 -17.29 24.99 -26.76
CA GLY B 10 -15.95 24.58 -27.14
C GLY B 10 -14.81 24.95 -26.25
N ASN B 11 -14.33 23.95 -25.50
CA ASN B 11 -13.08 24.00 -24.76
C ASN B 11 -13.10 24.80 -23.48
N ALA B 12 -13.55 26.06 -23.58
CA ALA B 12 -13.50 27.02 -22.46
C ALA B 12 -13.80 26.33 -21.14
N SER B 13 -12.87 26.48 -20.18
CA SER B 13 -13.09 25.94 -18.86
C SER B 13 -14.17 26.81 -18.19
N GLU B 14 -15.05 26.18 -17.42
CA GLU B 14 -16.06 26.90 -16.63
C GLU B 14 -15.36 27.61 -15.45
N VAL B 15 -14.24 27.07 -15.02
CA VAL B 15 -13.46 27.69 -13.97
C VAL B 15 -12.42 28.59 -14.63
N ASP B 16 -12.24 29.78 -14.06
CA ASP B 16 -11.22 30.69 -14.51
C ASP B 16 -9.86 30.18 -14.03
N LEU B 17 -9.13 29.52 -14.93
CA LEU B 17 -7.93 28.80 -14.57
C LEU B 17 -6.76 29.71 -14.20
N GLY B 18 -6.65 30.80 -14.93
CA GLY B 18 -5.64 31.81 -14.65
C GLY B 18 -5.82 32.44 -13.28
N LEU B 20 -7.57 31.16 -10.83
CA LEU B 20 -7.37 30.11 -9.82
C LEU B 20 -5.89 29.83 -9.58
N ALA B 21 -5.06 29.78 -10.63
CA ALA B 21 -3.61 29.60 -10.49
C ALA B 21 -2.97 30.66 -9.61
N ALA B 22 -3.36 31.90 -9.81
CA ALA B 22 -2.81 33.01 -9.00
C ALA B 22 -3.16 32.82 -7.54
N GLU B 23 -4.38 32.41 -7.27
CA GLU B 23 -4.87 32.23 -5.89
C GLU B 23 -4.26 31.07 -5.16
N LEU B 24 -4.06 29.96 -5.86
CA LEU B 24 -3.47 28.80 -5.25
C LEU B 24 -1.96 28.83 -5.24
N SER B 25 -1.34 29.74 -6.00
CA SER B 25 0.10 29.77 -6.12
C SER B 25 0.91 29.57 -4.81
N PRO B 26 0.51 30.18 -3.70
CA PRO B 26 1.35 29.99 -2.47
C PRO B 26 1.42 28.57 -1.91
N ILE B 27 0.46 27.72 -2.25
CA ILE B 27 0.51 26.32 -1.80
C ILE B 27 0.89 25.29 -2.87
N LEU B 28 1.29 25.78 -4.05
CA LEU B 28 1.73 24.91 -5.13
C LEU B 28 3.26 24.85 -5.12
N GLY B 29 3.79 23.69 -5.52
CA GLY B 29 5.23 23.51 -5.64
C GLY B 29 5.79 24.34 -6.78
N ASP B 30 7.05 24.74 -6.64
CA ASP B 30 7.71 25.56 -7.67
C ASP B 30 7.80 24.79 -8.97
N ASN B 31 7.77 23.47 -8.87
CA ASN B 31 7.75 22.59 -10.00
C ASN B 31 6.34 22.11 -10.37
N GLU B 32 5.29 22.81 -9.92
CA GLU B 32 3.90 22.34 -10.10
C GLU B 32 3.04 23.30 -10.87
N GLU B 33 2.23 22.80 -11.80
CA GLU B 33 1.34 23.66 -12.57
C GLU B 33 -0.12 23.26 -12.47
N LEU B 34 -0.97 24.27 -12.31
CA LEU B 34 -2.40 24.08 -12.39
C LEU B 34 -2.76 23.76 -13.84
N GLN B 35 -3.59 22.73 -14.06
CA GLN B 35 -3.93 22.30 -15.43
C GLN B 35 -5.41 22.34 -15.83
N LEU B 36 -6.30 21.87 -14.96
CA LEU B 36 -7.74 21.78 -15.27
C LEU B 36 -8.45 21.93 -13.95
N ALA B 37 -9.69 22.38 -13.97
CA ALA B 37 -10.51 22.44 -12.76
C ALA B 37 -11.98 22.33 -13.09
N TYR B 38 -12.75 21.65 -12.23
CA TYR B 38 -14.19 21.52 -12.43
C TYR B 38 -14.93 22.01 -11.22
N VAL B 41 -21.05 22.42 -7.78
CA VAL B 41 -21.84 23.39 -7.04
C VAL B 41 -20.85 24.46 -6.62
N ARG B 42 -20.62 24.70 -5.33
CA ARG B 42 -19.64 25.72 -4.88
C ARG B 42 -18.16 25.21 -4.75
N ASP B 43 -17.96 23.90 -4.87
CA ASP B 43 -16.66 23.23 -4.65
C ASP B 43 -15.87 23.03 -5.95
N LEU B 44 -14.62 22.64 -5.81
CA LEU B 44 -13.73 22.52 -6.92
C LEU B 44 -12.95 21.23 -6.89
N PHE B 45 -12.82 20.64 -8.06
CA PHE B 45 -11.92 19.54 -8.31
C PHE B 45 -10.76 20.17 -9.08
N VAL B 46 -9.62 20.34 -8.44
CA VAL B 46 -8.49 20.95 -9.12
C VAL B 46 -7.42 19.94 -9.50
N PHE B 47 -7.10 19.87 -10.79
CA PHE B 47 -6.03 19.00 -11.30
C PHE B 47 -4.73 19.80 -11.63
N THR B 48 -3.64 19.46 -10.94
CA THR B 48 -2.38 20.04 -11.17
C THR B 48 -1.57 19.00 -11.98
N SER B 49 -0.31 19.34 -12.29
CA SER B 49 0.58 18.36 -12.89
C SER B 49 0.97 17.20 -11.92
N ARG B 51 -1.15 16.43 -8.54
CA ARG B 51 -2.19 15.98 -7.62
C ARG B 51 -3.56 16.51 -7.93
N LEU B 52 -4.55 15.82 -7.39
CA LEU B 52 -5.90 16.31 -7.34
C LEU B 52 -6.03 17.07 -6.02
N ILE B 53 -6.57 18.27 -6.10
CA ILE B 53 -6.85 19.06 -4.91
C ILE B 53 -8.34 19.28 -4.87
N LEU B 54 -8.97 18.71 -3.86
CA LEU B 54 -10.41 18.88 -3.65
C LEU B 54 -10.56 20.05 -2.72
N ILE B 55 -11.29 21.08 -3.18
CA ILE B 55 -11.50 22.27 -2.39
C ILE B 55 -12.99 22.32 -2.07
N ASP B 56 -13.33 22.14 -0.79
CA ASP B 56 -14.70 22.00 -0.36
C ASP B 56 -15.01 23.06 0.69
N GLN B 58 -17.43 24.09 3.61
CA GLN B 58 -18.27 23.40 4.55
C GLN B 58 -18.95 24.36 5.50
N GLY B 59 -20.00 23.86 6.12
CA GLY B 59 -20.76 24.63 7.10
C GLY B 59 -21.86 25.47 6.48
N VAL B 60 -22.78 25.94 7.33
CA VAL B 60 -23.90 26.79 6.87
C VAL B 60 -23.39 28.02 6.08
N THR B 61 -22.33 28.67 6.58
CA THR B 61 -21.78 29.86 5.92
C THR B 61 -20.84 29.58 4.74
N GLY B 62 -20.34 28.35 4.66
CA GLY B 62 -19.33 28.00 3.67
C GLY B 62 -17.97 28.63 4.00
N VAL B 65 -13.18 25.99 4.90
CA VAL B 65 -12.67 25.49 3.63
C VAL B 65 -11.58 24.43 3.78
N SER B 66 -11.72 23.29 3.10
CA SER B 66 -10.65 22.30 3.12
C SER B 66 -10.02 22.21 1.76
N TYR B 67 -8.69 22.15 1.76
CA TYR B 67 -7.87 21.88 0.56
C TYR B 67 -7.26 20.48 0.75
N HIS B 68 -7.86 19.49 0.11
CA HIS B 68 -7.48 18.10 0.30
C HIS B 68 -6.69 17.63 -0.93
N SER B 69 -5.42 17.33 -0.73
CA SER B 69 -4.52 16.93 -1.82
C SER B 69 -4.35 15.43 -1.88
N ILE B 70 -4.57 14.86 -3.07
CA ILE B 70 -4.32 13.44 -3.34
C ILE B 70 -3.31 13.36 -4.51
N PRO B 71 -2.08 12.92 -4.20
CA PRO B 71 -1.06 12.67 -5.21
C PRO B 71 -1.56 11.62 -6.18
N TYR B 72 -1.42 11.88 -7.47
CA TYR B 72 -1.90 10.97 -8.47
C TYR B 72 -1.32 9.58 -8.29
N ALA B 74 -0.83 8.10 -5.66
CA ALA B 74 -1.56 7.45 -4.55
C ALA B 74 -2.99 7.02 -4.89
N ILE B 75 -3.48 7.36 -6.07
CA ILE B 75 -4.83 6.93 -6.45
C ILE B 75 -4.70 5.51 -6.97
N VAL B 76 -5.29 4.56 -6.25
CA VAL B 76 -5.14 3.16 -6.54
C VAL B 76 -6.19 2.68 -7.53
N HIS B 77 -7.42 3.07 -7.26
CA HIS B 77 -8.53 2.76 -8.17
C HIS B 77 -9.65 3.73 -7.92
N PHE B 78 -10.63 3.78 -8.81
CA PHE B 78 -11.68 4.79 -8.70
C PHE B 78 -12.94 4.33 -9.36
N GLN B 79 -14.04 4.93 -8.93
CA GLN B 79 -15.33 4.55 -9.45
C GLN B 79 -16.32 5.70 -9.45
N VAL B 80 -17.17 5.70 -10.48
CA VAL B 80 -18.35 6.55 -10.55
C VAL B 80 -19.59 5.67 -10.65
N GLU B 81 -20.49 5.89 -9.71
CA GLU B 81 -21.78 5.27 -9.70
C GLU B 81 -22.83 6.36 -10.04
N THR B 82 -23.55 6.13 -11.12
CA THR B 82 -24.41 7.17 -11.72
C THR B 82 -25.68 6.57 -12.35
N ALA B 83 -26.76 7.34 -12.33
CA ALA B 83 -28.02 7.01 -12.97
C ALA B 83 -28.18 7.80 -14.28
N GLY B 84 -27.08 8.41 -14.73
CA GLY B 84 -27.12 9.21 -15.92
C GLY B 84 -27.98 10.44 -15.70
N THR B 85 -28.90 10.67 -16.64
CA THR B 85 -29.80 11.81 -16.55
C THR B 85 -31.16 11.47 -15.95
N PHE B 86 -31.30 10.29 -15.33
CA PHE B 86 -32.40 10.05 -14.39
C PHE B 86 -32.18 11.03 -13.23
N ASP B 87 -33.20 11.22 -12.40
CA ASP B 87 -33.15 12.32 -11.44
C ASP B 87 -31.90 12.32 -10.52
N ASP B 89 -28.39 11.93 -8.17
CA ASP B 89 -27.00 12.37 -8.21
C ASP B 89 -26.04 11.16 -8.41
N ALA B 90 -24.83 11.44 -8.86
CA ALA B 90 -23.84 10.40 -9.02
C ALA B 90 -22.91 10.48 -7.81
N GLU B 91 -22.03 9.50 -7.70
CA GLU B 91 -21.05 9.47 -6.63
C GLU B 91 -19.69 8.98 -7.16
N LEU B 92 -18.64 9.70 -6.77
CA LEU B 92 -17.28 9.33 -7.05
C LEU B 92 -16.67 8.68 -5.82
N LEU B 94 -12.76 7.49 -4.69
CA LEU B 94 -11.34 7.44 -4.97
C LEU B 94 -10.65 6.65 -3.86
N TRP B 95 -9.99 5.54 -4.24
CA TRP B 95 -9.27 4.70 -3.28
C TRP B 95 -7.81 5.08 -3.34
N ILE B 96 -7.23 5.21 -2.15
CA ILE B 96 -5.94 5.82 -1.91
C ILE B 96 -5.04 4.80 -1.30
N SER B 97 -3.79 4.80 -1.76
CA SER B 97 -2.77 3.85 -1.34
C SER B 97 -2.67 3.75 0.15
N GLY B 98 -2.73 2.51 0.63
CA GLY B 98 -2.60 2.20 2.04
C GLY B 98 -3.68 2.76 2.91
N GLN B 99 -4.85 2.98 2.31
CA GLN B 99 -5.99 3.39 3.07
C GLN B 99 -6.95 2.23 2.88
N HIS B 100 -8.05 2.25 3.58
CA HIS B 100 -9.00 1.14 3.61
CA HIS B 100 -9.02 1.15 3.58
C HIS B 100 -10.35 1.60 3.01
N GLU B 101 -10.78 2.81 3.40
CA GLU B 101 -12.05 3.40 2.97
C GLU B 101 -11.81 4.40 1.84
N PRO B 102 -12.67 4.42 0.81
CA PRO B 102 -12.47 5.44 -0.23
C PRO B 102 -12.83 6.85 0.22
N LEU B 103 -12.29 7.82 -0.51
CA LEU B 103 -12.76 9.18 -0.40
C LEU B 103 -14.04 9.21 -1.28
N VAL B 104 -15.14 9.69 -0.73
CA VAL B 104 -16.44 9.69 -1.40
C VAL B 104 -16.87 11.13 -1.65
N GLU B 106 -19.99 13.39 -3.62
CA GLU B 106 -21.25 13.49 -4.36
C GLU B 106 -20.98 14.29 -5.64
N LEU B 107 -21.52 13.85 -6.77
CA LEU B 107 -21.44 14.56 -8.01
C LEU B 107 -22.87 14.94 -8.34
N ARG B 109 -26.20 16.40 -9.94
CA ARG B 109 -26.66 16.47 -11.35
C ARG B 109 -26.27 17.82 -11.96
N GLY B 110 -25.71 17.81 -13.16
CA GLY B 110 -25.24 19.04 -13.82
C GLY B 110 -23.75 19.19 -13.80
N THR B 111 -23.12 18.54 -12.83
CA THR B 111 -21.68 18.46 -12.74
C THR B 111 -21.14 17.75 -13.99
N ASP B 112 -19.95 18.14 -14.47
CA ASP B 112 -19.37 17.47 -15.65
C ASP B 112 -18.72 16.18 -15.16
N VAL B 113 -19.53 15.14 -14.97
CA VAL B 113 -18.98 13.89 -14.42
C VAL B 113 -18.11 13.15 -15.42
N VAL B 114 -18.43 13.27 -16.71
CA VAL B 114 -17.63 12.65 -17.74
C VAL B 114 -16.23 13.26 -17.87
N GLY B 115 -16.14 14.58 -17.89
CA GLY B 115 -14.85 15.28 -17.87
C GLY B 115 -14.02 14.91 -16.64
N ILE B 116 -14.67 14.84 -15.47
CA ILE B 116 -13.93 14.49 -14.25
C ILE B 116 -13.35 13.07 -14.40
N GLN B 117 -14.18 12.15 -14.88
CA GLN B 117 -13.73 10.78 -15.08
C GLN B 117 -12.61 10.62 -16.08
N THR B 119 -10.52 12.89 -16.95
CA THR B 119 -9.35 13.57 -16.42
C THR B 119 -8.65 12.72 -15.37
N ILE B 120 -9.40 12.08 -14.48
CA ILE B 120 -8.82 11.18 -13.52
C ILE B 120 -8.03 10.05 -14.24
N ALA B 121 -8.62 9.48 -15.29
CA ALA B 121 -8.01 8.40 -16.05
C ALA B 121 -6.71 8.88 -16.70
N ARG B 122 -6.74 10.11 -17.20
CA ARG B 122 -5.56 10.73 -17.79
C ARG B 122 -4.39 10.79 -16.79
N TYR B 123 -4.65 11.20 -15.56
CA TYR B 123 -3.58 11.35 -14.60
C TYR B 123 -3.27 10.10 -13.75
N ALA B 124 -4.25 9.22 -13.53
CA ALA B 124 -4.08 8.08 -12.63
C ALA B 124 -3.70 6.77 -13.32
N LEU B 125 -3.58 6.79 -14.65
CA LEU B 125 -3.17 5.64 -15.45
C LEU B 125 -1.96 6.05 -16.31
N GLY B 126 -1.73 7.35 -16.52
CA GLY B 126 -0.58 7.80 -17.32
N VAL C 15 -19.67 -10.06 -27.35
CA VAL C 15 -19.63 -8.55 -27.24
C VAL C 15 -19.00 -7.92 -28.49
N ASP C 16 -19.68 -6.97 -29.12
CA ASP C 16 -19.08 -6.22 -30.24
C ASP C 16 -18.11 -5.19 -29.64
N LEU C 17 -16.82 -5.50 -29.72
CA LEU C 17 -15.78 -4.67 -29.09
C LEU C 17 -15.68 -3.26 -29.70
N GLY C 18 -15.87 -3.16 -31.02
CA GLY C 18 -15.82 -1.87 -31.72
C GLY C 18 -16.90 -0.92 -31.22
N LEU C 20 -18.57 -1.26 -28.27
CA LEU C 20 -18.34 -0.93 -26.89
C LEU C 20 -17.27 0.15 -26.76
N ALA C 21 -16.19 0.03 -27.53
CA ALA C 21 -15.14 1.04 -27.52
C ALA C 21 -15.69 2.45 -27.83
N ALA C 22 -16.57 2.55 -28.82
CA ALA C 22 -17.18 3.83 -29.16
C ALA C 22 -18.09 4.33 -28.04
N GLU C 23 -18.85 3.41 -27.42
CA GLU C 23 -19.79 3.80 -26.38
C GLU C 23 -19.08 4.23 -25.07
N LEU C 24 -17.93 3.62 -24.79
CA LEU C 24 -17.15 4.01 -23.62
C LEU C 24 -16.20 5.16 -23.90
N SER C 25 -15.98 5.52 -25.17
CA SER C 25 -15.00 6.55 -25.51
C SER C 25 -15.06 7.84 -24.67
N PRO C 26 -16.24 8.29 -24.20
CA PRO C 26 -16.18 9.51 -23.40
C PRO C 26 -15.34 9.44 -22.09
N ILE C 27 -15.15 8.25 -21.52
CA ILE C 27 -14.36 8.12 -20.26
C ILE C 27 -13.02 7.41 -20.43
N LEU C 28 -12.67 7.06 -21.69
CA LEU C 28 -11.41 6.40 -21.99
C LEU C 28 -10.37 7.46 -22.35
N GLY C 29 -9.10 7.15 -22.12
CA GLY C 29 -8.02 8.01 -22.61
C GLY C 29 -7.97 7.95 -24.13
N ASP C 30 -7.46 9.01 -24.74
CA ASP C 30 -7.31 9.04 -26.21
C ASP C 30 -6.37 7.94 -26.70
N ASN C 31 -5.38 7.61 -25.88
CA ASN C 31 -4.39 6.58 -26.18
C ASN C 31 -4.66 5.27 -25.43
N GLU C 32 -5.91 4.99 -25.08
CA GLU C 32 -6.26 3.77 -24.36
C GLU C 32 -7.03 2.88 -25.29
N GLU C 33 -6.66 1.60 -25.40
CA GLU C 33 -7.29 0.66 -26.32
C GLU C 33 -8.15 -0.33 -25.54
N LEU C 34 -9.38 -0.54 -25.99
CA LEU C 34 -10.22 -1.61 -25.44
C LEU C 34 -9.72 -2.90 -26.08
N GLN C 35 -9.50 -3.94 -25.28
CA GLN C 35 -8.85 -5.16 -25.76
C GLN C 35 -9.70 -6.42 -25.70
N LEU C 36 -10.42 -6.62 -24.62
CA LEU C 36 -11.27 -7.79 -24.42
C LEU C 36 -12.43 -7.37 -23.53
N ALA C 37 -13.56 -8.03 -23.68
CA ALA C 37 -14.74 -7.75 -22.82
C ALA C 37 -15.48 -9.03 -22.54
N TYR C 38 -15.98 -9.17 -21.31
CA TYR C 38 -16.78 -10.36 -20.92
C TYR C 38 -18.07 -9.93 -20.30
N VAL C 41 -24.25 -11.57 -16.22
CA VAL C 41 -25.67 -11.22 -16.07
C VAL C 41 -25.78 -9.73 -15.73
N ARG C 42 -25.15 -9.33 -14.62
CA ARG C 42 -25.18 -7.94 -14.18
C ARG C 42 -23.83 -7.24 -14.29
N ASP C 43 -22.78 -7.95 -14.70
CA ASP C 43 -21.43 -7.42 -14.76
C ASP C 43 -20.88 -7.47 -16.17
N LEU C 44 -20.15 -6.42 -16.55
CA LEU C 44 -19.46 -6.38 -17.83
C LEU C 44 -18.01 -6.08 -17.46
N PHE C 45 -17.10 -7.02 -17.76
CA PHE C 45 -15.67 -6.86 -17.47
C PHE C 45 -15.03 -6.34 -18.73
N VAL C 46 -14.54 -5.11 -18.70
CA VAL C 46 -13.88 -4.54 -19.88
C VAL C 46 -12.40 -4.43 -19.59
N PHE C 47 -11.58 -5.09 -20.40
CA PHE C 47 -10.14 -5.02 -20.27
C PHE C 47 -9.58 -4.08 -21.31
N THR C 48 -9.03 -2.94 -20.85
CA THR C 48 -8.36 -2.03 -21.76
C THR C 48 -6.85 -2.20 -21.61
N SER C 49 -6.10 -1.46 -22.41
CA SER C 49 -4.64 -1.49 -22.29
C SER C 49 -4.14 -0.98 -20.94
N ARG C 51 -6.53 -0.59 -17.87
CA ARG C 51 -7.26 -1.01 -16.69
C ARG C 51 -8.38 -1.97 -17.00
N LEU C 52 -8.86 -2.61 -15.93
CA LEU C 52 -10.13 -3.29 -15.96
C LEU C 52 -11.20 -2.26 -15.57
N ILE C 53 -12.21 -2.08 -16.43
CA ILE C 53 -13.40 -1.29 -16.07
C ILE C 53 -14.49 -2.32 -15.81
N LEU C 54 -14.81 -2.49 -14.54
CA LEU C 54 -15.86 -3.41 -14.13
C LEU C 54 -17.16 -2.60 -14.07
N ILE C 55 -18.08 -2.91 -14.99
CA ILE C 55 -19.35 -2.20 -15.07
C ILE C 55 -20.47 -3.09 -14.52
N ASP C 56 -21.10 -2.63 -13.46
CA ASP C 56 -22.14 -3.35 -12.76
C ASP C 56 -23.43 -2.56 -12.92
N GLN C 58 -26.13 -3.55 -11.80
CA GLN C 58 -26.89 -3.91 -10.59
C GLN C 58 -28.06 -4.90 -10.84
N GLY C 59 -28.81 -5.20 -9.79
CA GLY C 59 -29.88 -6.21 -9.85
C GLY C 59 -31.24 -5.59 -10.04
N VAL C 60 -32.29 -6.34 -9.68
CA VAL C 60 -33.67 -5.90 -9.89
C VAL C 60 -34.06 -4.60 -9.16
N THR C 61 -33.40 -4.29 -8.05
CA THR C 61 -33.72 -3.05 -7.31
C THR C 61 -32.77 -1.90 -7.68
N GLY C 62 -31.87 -2.15 -8.64
CA GLY C 62 -30.86 -1.20 -9.07
C GLY C 62 -31.37 0.02 -9.82
N VAL C 65 -25.68 2.58 -12.38
CA VAL C 65 -24.66 1.70 -12.94
C VAL C 65 -23.36 2.15 -12.29
N SER C 66 -22.58 1.17 -11.81
CA SER C 66 -21.23 1.42 -11.30
C SER C 66 -20.16 1.19 -12.39
N TYR C 67 -19.27 2.16 -12.61
CA TYR C 67 -18.15 2.04 -13.55
C TYR C 67 -16.87 2.08 -12.71
N HIS C 68 -16.25 0.90 -12.50
CA HIS C 68 -15.14 0.80 -11.50
C HIS C 68 -13.88 0.48 -12.26
N SER C 69 -13.00 1.49 -12.29
CA SER C 69 -11.71 1.44 -12.96
C SER C 69 -10.64 0.93 -11.98
N ILE C 70 -10.07 -0.20 -12.34
CA ILE C 70 -9.07 -0.88 -11.55
C ILE C 70 -7.83 -1.03 -12.41
N PRO C 71 -6.87 -0.12 -12.28
CA PRO C 71 -5.60 -0.32 -12.96
C PRO C 71 -5.03 -1.71 -12.61
N TYR C 72 -4.34 -2.34 -13.54
CA TYR C 72 -3.90 -3.69 -13.31
C TYR C 72 -2.94 -3.83 -12.13
N ALA C 74 -3.16 -2.50 -9.39
CA ALA C 74 -3.93 -2.54 -8.16
C ALA C 74 -4.50 -3.91 -7.87
N ILE C 75 -4.51 -4.82 -8.86
CA ILE C 75 -5.01 -6.17 -8.62
C ILE C 75 -3.89 -6.94 -7.94
N VAL C 76 -3.97 -7.10 -6.63
CA VAL C 76 -2.84 -7.70 -5.92
C VAL C 76 -2.87 -9.22 -5.79
N HIS C 77 -4.02 -9.82 -5.63
CA HIS C 77 -4.16 -11.28 -5.78
C HIS C 77 -5.62 -11.56 -6.11
N PHE C 78 -5.89 -12.78 -6.55
CA PHE C 78 -7.23 -13.13 -6.99
C PHE C 78 -7.48 -14.63 -6.85
N GLN C 79 -8.75 -14.99 -6.84
CA GLN C 79 -9.14 -16.38 -6.61
C GLN C 79 -10.41 -16.71 -7.36
N VAL C 80 -10.49 -17.95 -7.87
CA VAL C 80 -11.71 -18.46 -8.44
C VAL C 80 -12.01 -19.74 -7.66
N GLU C 81 -13.26 -19.86 -7.22
CA GLU C 81 -13.71 -21.02 -6.47
C GLU C 81 -15.04 -21.51 -7.03
N THR C 82 -15.30 -22.80 -6.90
CA THR C 82 -16.60 -23.31 -7.32
C THR C 82 -17.67 -22.83 -6.32
N ALA C 83 -18.89 -22.69 -6.80
CA ALA C 83 -20.00 -22.17 -6.00
C ALA C 83 -21.34 -22.67 -6.56
N GLY C 84 -22.42 -22.34 -5.85
CA GLY C 84 -23.76 -22.76 -6.25
C GLY C 84 -24.00 -24.21 -5.89
N THR C 85 -25.24 -24.65 -6.05
CA THR C 85 -25.59 -26.03 -5.76
C THR C 85 -24.74 -26.98 -6.60
N PHE C 86 -24.21 -28.05 -6.00
CA PHE C 86 -23.40 -29.06 -6.72
C PHE C 86 -22.13 -28.43 -7.38
N ASP C 87 -21.69 -27.27 -6.88
CA ASP C 87 -20.44 -26.62 -7.33
C ASP C 87 -20.31 -26.38 -8.83
N ASP C 89 -21.42 -23.47 -10.45
CA ASP C 89 -21.08 -22.07 -10.75
C ASP C 89 -19.69 -21.77 -10.19
N ALA C 90 -19.20 -20.55 -10.43
CA ALA C 90 -17.92 -20.10 -9.87
C ALA C 90 -18.07 -18.75 -9.25
N GLU C 91 -17.15 -18.45 -8.34
CA GLU C 91 -17.07 -17.18 -7.69
C GLU C 91 -15.63 -16.62 -7.84
N LEU C 92 -15.54 -15.37 -8.29
CA LEU C 92 -14.25 -14.67 -8.45
C LEU C 92 -14.04 -13.70 -7.32
N LEU C 94 -11.32 -10.65 -6.25
CA LEU C 94 -10.25 -9.77 -6.66
C LEU C 94 -9.88 -8.95 -5.45
N TRP C 95 -8.69 -9.16 -4.92
CA TRP C 95 -8.23 -8.35 -3.82
C TRP C 95 -7.48 -7.16 -4.45
N ILE C 96 -7.81 -5.96 -4.01
CA ILE C 96 -7.32 -4.76 -4.63
C ILE C 96 -6.49 -3.98 -3.62
N SER C 97 -5.46 -3.32 -4.11
CA SER C 97 -4.46 -2.67 -3.27
C SER C 97 -5.12 -1.70 -2.27
N GLY C 98 -4.68 -1.81 -1.00
CA GLY C 98 -5.23 -1.00 0.12
C GLY C 98 -6.42 -1.60 0.89
N GLN C 99 -7.08 -2.62 0.33
CA GLN C 99 -8.27 -3.21 0.97
C GLN C 99 -7.96 -4.30 1.98
N HIS C 100 -8.98 -4.65 2.75
CA HIS C 100 -8.90 -5.77 3.68
C HIS C 100 -9.58 -6.97 3.05
N GLU C 101 -10.58 -6.70 2.21
CA GLU C 101 -11.49 -7.72 1.71
C GLU C 101 -11.77 -7.58 0.21
N PRO C 102 -12.06 -8.70 -0.43
CA PRO C 102 -12.06 -8.68 -1.87
C PRO C 102 -13.36 -8.22 -2.46
N LEU C 103 -13.28 -7.87 -3.72
CA LEU C 103 -14.42 -7.67 -4.57
C LEU C 103 -14.88 -9.07 -4.97
N VAL C 104 -16.15 -9.37 -4.88
CA VAL C 104 -16.67 -10.70 -5.10
C VAL C 104 -17.65 -10.64 -6.22
N GLU C 106 -20.00 -13.18 -9.12
CA GLU C 106 -20.54 -14.51 -9.44
C GLU C 106 -20.32 -14.78 -10.89
N LEU C 107 -19.74 -15.93 -11.21
CA LEU C 107 -19.59 -16.33 -12.60
C LEU C 107 -20.50 -17.55 -12.74
N ARG C 109 -22.56 -20.72 -14.34
CA ARG C 109 -22.13 -21.65 -15.41
C ARG C 109 -22.66 -21.10 -16.73
N GLY C 110 -21.83 -21.15 -17.76
CA GLY C 110 -22.14 -20.52 -19.03
C GLY C 110 -21.35 -19.23 -19.16
N THR C 111 -20.84 -18.69 -18.05
CA THR C 111 -19.94 -17.52 -18.05
C THR C 111 -18.60 -18.03 -18.53
N ASP C 112 -17.77 -17.18 -19.16
CA ASP C 112 -16.46 -17.69 -19.63
C ASP C 112 -15.45 -17.60 -18.48
N VAL C 113 -15.65 -18.50 -17.51
CA VAL C 113 -14.88 -18.58 -16.29
C VAL C 113 -13.39 -18.84 -16.54
N VAL C 114 -13.07 -19.75 -17.46
CA VAL C 114 -11.68 -20.05 -17.74
C VAL C 114 -11.03 -18.86 -18.47
N GLY C 115 -11.76 -18.27 -19.41
CA GLY C 115 -11.26 -17.14 -20.16
C GLY C 115 -10.96 -15.93 -19.29
N ILE C 116 -11.91 -15.56 -18.46
CA ILE C 116 -11.72 -14.47 -17.50
C ILE C 116 -10.47 -14.67 -16.60
N GLN C 117 -10.30 -15.88 -16.09
CA GLN C 117 -9.14 -16.25 -15.26
C GLN C 117 -7.84 -16.10 -16.02
N THR C 119 -7.31 -14.25 -18.64
CA THR C 119 -7.12 -12.88 -19.02
C THR C 119 -6.59 -12.09 -17.84
N ILE C 120 -7.17 -12.27 -16.65
CA ILE C 120 -6.66 -11.64 -15.43
C ILE C 120 -5.17 -12.03 -15.21
N ALA C 121 -4.83 -13.32 -15.42
CA ALA C 121 -3.42 -13.76 -15.29
C ALA C 121 -2.49 -13.00 -16.23
N ARG C 122 -2.93 -12.78 -17.44
CA ARG C 122 -2.13 -12.11 -18.42
C ARG C 122 -1.90 -10.65 -18.09
N TYR C 123 -2.88 -10.00 -17.50
CA TYR C 123 -2.73 -8.57 -17.18
C TYR C 123 -2.13 -8.30 -15.82
N ALA C 124 -2.41 -9.17 -14.86
CA ALA C 124 -2.06 -8.91 -13.48
C ALA C 124 -0.79 -9.57 -13.03
N LEU C 125 -0.10 -10.32 -13.87
CA LEU C 125 1.07 -11.07 -13.37
C LEU C 125 2.42 -10.45 -13.76
N GLY C 126 2.54 -9.95 -14.99
CA GLY C 126 3.79 -9.34 -15.44
N GLU D 14 -1.53 -34.26 -4.15
CA GLU D 14 -0.93 -34.58 -5.48
C GLU D 14 0.16 -33.57 -5.87
N VAL D 15 1.43 -33.97 -5.76
CA VAL D 15 2.59 -33.09 -6.00
C VAL D 15 3.33 -33.34 -7.34
N ASP D 16 2.80 -34.24 -8.16
CA ASP D 16 3.29 -34.50 -9.51
C ASP D 16 3.12 -33.22 -10.32
N LEU D 17 4.22 -32.58 -10.71
CA LEU D 17 4.09 -31.32 -11.44
C LEU D 17 3.39 -31.47 -12.78
N GLY D 18 3.60 -32.61 -13.43
CA GLY D 18 2.99 -32.86 -14.72
C GLY D 18 1.49 -32.94 -14.62
N LEU D 20 -0.29 -31.55 -12.31
CA LEU D 20 -0.71 -30.19 -11.95
C LEU D 20 -0.73 -29.30 -13.20
N ALA D 21 0.23 -29.49 -14.10
CA ALA D 21 0.22 -28.78 -15.38
C ALA D 21 -1.03 -29.12 -16.22
N ALA D 22 -1.38 -30.39 -16.32
CA ALA D 22 -2.60 -30.80 -17.04
C ALA D 22 -3.84 -30.11 -16.45
N GLU D 23 -3.94 -30.09 -15.13
CA GLU D 23 -5.07 -29.47 -14.43
C GLU D 23 -5.09 -27.93 -14.58
N LEU D 24 -3.94 -27.28 -14.44
CA LEU D 24 -3.86 -25.82 -14.44
C LEU D 24 -3.68 -25.16 -15.79
N SER D 25 -3.34 -25.94 -16.81
CA SER D 25 -3.03 -25.40 -18.15
CA SER D 25 -3.04 -25.43 -18.17
C SER D 25 -4.00 -24.33 -18.65
N PRO D 26 -5.29 -24.62 -18.63
CA PRO D 26 -6.21 -23.59 -19.16
C PRO D 26 -6.19 -22.22 -18.50
N ILE D 27 -5.76 -22.13 -17.24
CA ILE D 27 -5.78 -20.84 -16.51
C ILE D 27 -4.40 -20.21 -16.34
N LEU D 28 -3.37 -20.88 -16.87
CA LEU D 28 -2.00 -20.38 -16.83
C LEU D 28 -1.79 -19.36 -17.92
N GLY D 29 -0.93 -18.38 -17.65
CA GLY D 29 -0.50 -17.41 -18.63
C GLY D 29 0.28 -18.12 -19.72
N ASP D 30 0.66 -17.37 -20.74
CA ASP D 30 1.24 -17.95 -21.95
C ASP D 30 2.65 -18.57 -21.83
N ASN D 31 3.50 -17.95 -21.03
CA ASN D 31 4.84 -18.47 -20.82
C ASN D 31 5.06 -18.70 -19.35
N GLU D 32 4.05 -19.24 -18.68
CA GLU D 32 4.10 -19.44 -17.25
C GLU D 32 4.40 -20.92 -17.05
N GLU D 33 5.37 -21.24 -16.21
CA GLU D 33 5.72 -22.64 -15.98
C GLU D 33 5.59 -23.02 -14.53
N LEU D 34 5.15 -24.25 -14.28
CA LEU D 34 5.12 -24.78 -12.92
C LEU D 34 6.53 -25.17 -12.53
N GLN D 35 6.95 -24.79 -11.34
CA GLN D 35 8.31 -25.04 -10.93
C GLN D 35 8.44 -25.92 -9.69
N LEU D 36 7.63 -25.68 -8.66
CA LEU D 36 7.70 -26.50 -7.42
C LEU D 36 6.31 -26.60 -6.85
N ALA D 37 6.04 -27.67 -6.10
CA ALA D 37 4.73 -27.84 -5.46
C ALA D 37 4.94 -28.52 -4.12
N TYR D 38 4.25 -28.02 -3.09
CA TYR D 38 4.33 -28.60 -1.74
C TYR D 38 2.94 -28.97 -1.25
N VAL D 41 -1.22 -29.35 4.81
CA VAL D 41 -2.26 -30.19 5.44
C VAL D 41 -3.56 -30.21 4.64
N ARG D 42 -4.01 -29.04 4.21
CA ARG D 42 -5.28 -28.95 3.50
C ARG D 42 -5.25 -28.35 2.11
N ASP D 43 -4.13 -27.78 1.70
CA ASP D 43 -4.01 -27.25 0.35
C ASP D 43 -2.68 -27.59 -0.25
N LEU D 44 -2.50 -27.20 -1.50
CA LEU D 44 -1.23 -27.37 -2.22
C LEU D 44 -0.69 -26.00 -2.50
N PHE D 45 0.59 -25.79 -2.24
CA PHE D 45 1.28 -24.56 -2.65
C PHE D 45 2.04 -24.86 -3.94
N VAL D 46 1.59 -24.32 -5.07
CA VAL D 46 2.22 -24.53 -6.34
C VAL D 46 2.91 -23.22 -6.73
N PHE D 47 4.24 -23.29 -6.88
CA PHE D 47 5.07 -22.15 -7.27
C PHE D 47 5.26 -22.19 -8.76
N THR D 48 4.71 -21.21 -9.45
CA THR D 48 4.98 -21.04 -10.87
C THR D 48 6.06 -19.94 -11.04
N SER D 49 6.49 -19.76 -12.29
CA SER D 49 7.42 -18.69 -12.63
C SER D 49 6.80 -17.28 -12.41
N ARG D 51 3.54 -16.81 -10.08
CA ARG D 51 2.70 -16.74 -8.91
C ARG D 51 2.73 -18.00 -8.07
N LEU D 52 2.39 -17.81 -6.82
CA LEU D 52 2.07 -18.89 -5.93
C LEU D 52 0.57 -19.12 -6.13
N ILE D 53 0.19 -20.36 -6.42
CA ILE D 53 -1.17 -20.72 -6.58
C ILE D 53 -1.48 -21.72 -5.47
N LEU D 54 -2.38 -21.35 -4.58
CA LEU D 54 -2.91 -22.26 -3.57
C LEU D 54 -4.13 -23.00 -4.09
N ILE D 55 -4.04 -24.34 -4.10
CA ILE D 55 -5.13 -25.18 -4.57
C ILE D 55 -5.70 -25.93 -3.36
N ASP D 56 -7.00 -25.71 -3.10
CA ASP D 56 -7.73 -26.37 -2.04
C ASP D 56 -8.93 -27.12 -2.61
N GLN D 58 -11.90 -29.59 -1.66
CA GLN D 58 -12.52 -29.96 -0.38
C GLN D 58 -13.63 -30.97 -0.49
N GLY D 59 -13.98 -31.54 0.66
CA GLY D 59 -15.07 -32.48 0.76
C GLY D 59 -14.56 -33.88 0.54
N VAL D 60 -15.43 -34.84 0.76
CA VAL D 60 -15.14 -36.23 0.48
C VAL D 60 -15.06 -36.43 -1.05
N THR D 61 -15.89 -35.70 -1.79
CA THR D 61 -15.96 -35.86 -3.24
C THR D 61 -14.94 -34.97 -3.94
N GLY D 62 -14.36 -34.01 -3.22
CA GLY D 62 -13.37 -33.09 -3.79
C GLY D 62 -13.92 -32.17 -4.88
N VAL D 65 -13.56 -26.67 -5.29
CA VAL D 65 -12.15 -26.38 -5.57
C VAL D 65 -11.90 -24.87 -5.65
N SER D 66 -10.86 -24.39 -4.99
CA SER D 66 -10.41 -22.99 -5.17
C SER D 66 -8.98 -22.91 -5.65
N TYR D 67 -8.72 -21.95 -6.55
CA TYR D 67 -7.39 -21.63 -6.97
C TYR D 67 -7.14 -20.20 -6.52
N HIS D 68 -6.24 -20.03 -5.56
CA HIS D 68 -5.91 -18.71 -5.08
C HIS D 68 -4.53 -18.33 -5.64
N SER D 69 -4.51 -17.35 -6.53
CA SER D 69 -3.29 -16.87 -7.19
C SER D 69 -2.71 -15.67 -6.46
N ILE D 70 -1.44 -15.80 -6.05
CA ILE D 70 -0.76 -14.76 -5.32
C ILE D 70 0.52 -14.39 -6.07
N PRO D 71 0.48 -13.27 -6.85
CA PRO D 71 1.69 -12.78 -7.49
C PRO D 71 2.75 -12.61 -6.42
N TYR D 72 4.01 -12.88 -6.74
CA TYR D 72 5.04 -12.89 -5.69
C TYR D 72 5.25 -11.50 -5.05
N ALA D 74 3.01 -9.60 -4.14
CA ALA D 74 1.96 -9.42 -3.12
C ALA D 74 2.32 -10.02 -1.77
N ILE D 75 3.43 -10.76 -1.69
CA ILE D 75 3.91 -11.31 -0.41
C ILE D 75 4.63 -10.19 0.35
N VAL D 76 4.01 -9.73 1.43
CA VAL D 76 4.49 -8.56 2.13
C VAL D 76 5.51 -8.95 3.21
N HIS D 77 5.14 -9.91 4.05
CA HIS D 77 6.04 -10.41 5.08
C HIS D 77 5.56 -11.80 5.49
N PHE D 78 6.44 -12.54 6.17
CA PHE D 78 6.09 -13.89 6.58
C PHE D 78 6.87 -14.26 7.82
N GLN D 79 6.34 -15.24 8.55
CA GLN D 79 6.88 -15.59 9.86
C GLN D 79 6.78 -17.09 10.02
N VAL D 80 7.84 -17.69 10.55
CA VAL D 80 7.79 -19.11 10.94
C VAL D 80 8.11 -19.22 12.44
N GLU D 81 7.24 -19.94 13.16
CA GLU D 81 7.40 -20.20 14.56
C GLU D 81 7.54 -21.66 14.75
N THR D 82 8.46 -22.03 15.60
CA THR D 82 8.70 -23.44 15.90
C THR D 82 7.55 -23.94 16.76
N ALA D 83 7.43 -25.28 16.86
CA ALA D 83 6.38 -25.96 17.61
C ALA D 83 6.35 -25.59 19.07
N GLY D 84 7.49 -25.71 19.75
CA GLY D 84 7.56 -25.40 21.17
C GLY D 84 7.37 -26.64 22.01
N THR D 85 6.22 -27.29 21.81
CA THR D 85 5.87 -28.55 22.49
C THR D 85 5.53 -29.63 21.44
N PHE D 86 5.50 -30.89 21.89
CA PHE D 86 5.24 -32.00 20.97
C PHE D 86 3.82 -32.17 20.49
N ASP D 87 2.84 -31.60 21.17
CA ASP D 87 1.44 -31.69 20.71
C ASP D 87 1.07 -30.58 19.71
N ASP D 89 2.37 -28.12 16.05
CA ASP D 89 3.26 -28.07 14.85
C ASP D 89 3.98 -26.74 14.75
N ALA D 90 5.09 -26.70 14.01
CA ALA D 90 5.68 -25.44 13.56
C ALA D 90 4.63 -24.79 12.65
N GLU D 91 4.66 -23.47 12.54
CA GLU D 91 3.64 -22.75 11.81
C GLU D 91 4.20 -21.66 10.92
N LEU D 92 3.65 -21.56 9.72
CA LEU D 92 3.97 -20.50 8.77
C LEU D 92 2.81 -19.53 8.71
N LEU D 94 1.86 -16.16 6.34
CA LEU D 94 2.21 -15.44 5.14
C LEU D 94 1.21 -14.30 5.03
N TRP D 95 1.70 -13.09 5.09
CA TRP D 95 0.85 -11.93 4.96
C TRP D 95 0.96 -11.45 3.54
N ILE D 96 -0.22 -11.21 2.99
CA ILE D 96 -0.41 -10.84 1.58
CA ILE D 96 -0.33 -10.79 1.60
C ILE D 96 -1.05 -9.50 1.47
N SER D 97 -0.63 -8.73 0.47
CA SER D 97 -1.12 -7.42 0.24
C SER D 97 -2.63 -7.47 -0.08
N GLY D 98 -3.37 -6.48 0.34
CA GLY D 98 -4.82 -6.47 0.03
C GLY D 98 -5.70 -7.48 0.78
N GLN D 99 -5.09 -8.19 1.74
CA GLN D 99 -5.76 -9.16 2.60
C GLN D 99 -5.26 -8.92 4.01
N HIS D 100 -6.18 -8.68 4.93
CA HIS D 100 -5.79 -8.30 6.29
C HIS D 100 -5.25 -9.44 7.15
N GLU D 101 -5.91 -10.57 7.09
CA GLU D 101 -5.50 -11.75 7.88
C GLU D 101 -4.38 -12.52 7.20
N PRO D 102 -3.35 -12.99 7.96
CA PRO D 102 -2.33 -13.84 7.32
C PRO D 102 -2.87 -15.20 6.90
N LEU D 103 -2.26 -15.78 5.88
CA LEU D 103 -2.50 -17.18 5.56
C LEU D 103 -1.72 -17.93 6.66
N VAL D 104 -2.31 -18.95 7.26
CA VAL D 104 -1.67 -19.69 8.34
C VAL D 104 -1.59 -21.16 7.99
N GLU D 106 0.23 -25.07 9.06
CA GLU D 106 1.04 -25.95 9.85
C GLU D 106 2.11 -26.55 8.95
N LEU D 107 3.34 -26.60 9.46
CA LEU D 107 4.49 -27.22 8.80
C LEU D 107 4.70 -28.52 9.55
N ARG D 109 5.87 -32.19 10.87
CA ARG D 109 7.14 -32.94 11.07
C ARG D 109 7.26 -33.97 9.95
N GLY D 110 8.47 -34.13 9.41
CA GLY D 110 8.73 -35.06 8.31
C GLY D 110 8.58 -34.48 6.92
N THR D 111 7.83 -33.38 6.78
CA THR D 111 7.66 -32.70 5.49
C THR D 111 8.82 -31.75 5.25
N ASP D 112 8.83 -31.09 4.10
CA ASP D 112 9.95 -30.21 3.73
C ASP D 112 9.72 -28.82 4.37
N VAL D 113 9.85 -28.79 5.69
CA VAL D 113 9.64 -27.60 6.51
C VAL D 113 10.63 -26.48 6.18
N VAL D 114 11.90 -26.84 6.02
CA VAL D 114 12.95 -25.86 5.76
C VAL D 114 12.95 -25.42 4.30
N GLY D 115 12.75 -26.38 3.42
CA GLY D 115 12.67 -26.15 1.99
C GLY D 115 11.63 -25.13 1.57
N ILE D 116 10.42 -25.25 2.10
CA ILE D 116 9.37 -24.30 1.73
C ILE D 116 9.73 -22.87 2.17
N GLN D 117 10.46 -22.72 3.28
CA GLN D 117 10.86 -21.38 3.74
C GLN D 117 11.89 -20.78 2.76
N THR D 119 12.20 -21.60 -0.41
CA THR D 119 11.48 -21.32 -1.60
C THR D 119 10.73 -20.00 -1.49
N ILE D 120 9.99 -19.80 -0.42
CA ILE D 120 9.31 -18.51 -0.27
C ILE D 120 10.30 -17.33 -0.34
N ALA D 121 11.44 -17.44 0.34
CA ALA D 121 12.47 -16.39 0.28
C ALA D 121 13.02 -16.19 -1.14
N ARG D 122 13.34 -17.25 -1.84
CA ARG D 122 13.81 -17.07 -3.24
C ARG D 122 12.81 -16.28 -4.12
N TYR D 123 11.56 -16.68 -4.10
CA TYR D 123 10.56 -16.04 -4.99
C TYR D 123 10.09 -14.67 -4.56
N ALA D 124 9.98 -14.45 -3.26
CA ALA D 124 9.41 -13.23 -2.70
C ALA D 124 10.45 -12.14 -2.64
N LEU D 125 11.68 -12.50 -2.37
CA LEU D 125 12.72 -11.52 -2.22
C LEU D 125 13.54 -11.37 -3.52
N GLY D 126 13.56 -12.41 -4.37
CA GLY D 126 14.42 -12.41 -5.56
C GLY D 126 15.88 -12.62 -5.19
N ASP E 16 17.02 26.10 13.86
CA ASP E 16 18.45 26.22 13.45
C ASP E 16 18.98 24.88 12.96
N LEU E 17 19.25 24.77 11.66
CA LEU E 17 19.64 23.50 11.03
C LEU E 17 21.00 22.93 11.47
N GLY E 18 21.88 23.79 11.98
CA GLY E 18 23.22 23.39 12.46
C GLY E 18 23.21 22.63 13.78
N LEU E 20 20.74 21.25 14.87
CA LEU E 20 19.88 20.10 14.52
C LEU E 20 20.63 18.96 13.82
N ALA E 21 21.43 19.28 12.80
CA ALA E 21 22.23 18.26 12.09
C ALA E 21 23.22 17.59 13.04
N ALA E 22 23.79 18.36 13.97
CA ALA E 22 24.69 17.83 14.98
C ALA E 22 24.00 16.81 15.89
N GLU E 23 22.82 17.17 16.40
CA GLU E 23 22.05 16.28 17.25
C GLU E 23 21.60 15.01 16.51
N LEU E 24 21.03 15.17 15.32
CA LEU E 24 20.47 14.04 14.56
C LEU E 24 21.43 13.15 13.81
N SER E 25 22.62 13.66 13.52
CA SER E 25 23.57 12.97 12.65
C SER E 25 23.82 11.47 12.92
N PRO E 26 23.92 11.04 14.20
CA PRO E 26 24.15 9.63 14.46
C PRO E 26 23.03 8.68 14.03
N ILE E 27 21.81 9.18 13.83
CA ILE E 27 20.71 8.30 13.34
C ILE E 27 20.28 8.62 11.90
N LEU E 28 21.02 9.50 11.23
CA LEU E 28 20.83 9.77 9.82
C LEU E 28 21.67 8.79 9.01
N GLY E 29 21.18 8.47 7.82
CA GLY E 29 21.95 7.68 6.86
C GLY E 29 23.16 8.50 6.43
N ASP E 30 24.13 7.83 5.81
CA ASP E 30 25.39 8.47 5.41
C ASP E 30 25.16 9.56 4.38
N ASN E 31 24.34 9.29 3.38
CA ASN E 31 24.12 10.29 2.34
C ASN E 31 22.90 11.16 2.58
N GLU E 32 22.17 10.91 3.67
CA GLU E 32 21.00 11.72 4.02
C GLU E 32 21.39 13.10 4.52
N GLU E 33 20.65 14.14 4.15
CA GLU E 33 20.93 15.49 4.66
C GLU E 33 19.70 16.19 5.17
N LEU E 34 19.89 17.12 6.09
CA LEU E 34 18.84 17.94 6.64
C LEU E 34 18.64 19.07 5.69
N GLN E 35 17.38 19.33 5.34
CA GLN E 35 17.07 20.33 4.35
C GLN E 35 16.20 21.46 4.89
N LEU E 36 15.16 21.14 5.67
CA LEU E 36 14.29 22.20 6.19
C LEU E 36 13.76 21.79 7.55
N ALA E 37 13.46 22.75 8.41
CA ALA E 37 12.80 22.44 9.66
C ALA E 37 11.77 23.50 10.07
N TYR E 38 10.68 23.04 10.68
CA TYR E 38 9.57 23.88 11.12
C TYR E 38 9.17 23.53 12.56
N VAL E 41 3.35 23.45 17.16
CA VAL E 41 2.94 23.77 18.54
C VAL E 41 3.77 22.95 19.57
N ARG E 42 3.63 21.63 19.51
CA ARG E 42 4.36 20.72 20.40
C ARG E 42 5.44 19.91 19.66
N ASP E 43 5.50 20.09 18.34
CA ASP E 43 6.27 19.26 17.45
C ASP E 43 7.32 20.01 16.70
N LEU E 44 8.30 19.27 16.18
CA LEU E 44 9.30 19.78 15.26
C LEU E 44 9.18 18.92 13.99
N PHE E 45 9.05 19.56 12.84
CA PHE E 45 8.94 18.91 11.55
C PHE E 45 10.27 19.08 10.85
N VAL E 46 11.03 17.97 10.78
CA VAL E 46 12.34 17.96 10.18
C VAL E 46 12.32 17.24 8.83
N PHE E 47 12.52 18.00 7.77
CA PHE E 47 12.55 17.46 6.43
C PHE E 47 13.96 17.14 6.00
N THR E 48 14.25 15.86 5.85
CA THR E 48 15.54 15.44 5.27
C THR E 48 15.36 15.13 3.81
N SER E 49 16.47 14.79 3.15
CA SER E 49 16.40 14.37 1.75
C SER E 49 15.59 13.07 1.54
N ARG E 51 13.24 11.58 4.36
CA ARG E 51 12.10 11.38 5.24
C ARG E 51 11.79 12.62 6.01
N LEU E 52 10.57 12.64 6.47
CA LEU E 52 10.13 13.57 7.45
C LEU E 52 10.35 12.96 8.80
N ILE E 53 11.10 13.63 9.65
CA ILE E 53 11.26 13.20 11.05
C ILE E 53 10.43 14.14 11.95
N LEU E 54 9.39 13.62 12.60
CA LEU E 54 8.64 14.36 13.64
C LEU E 54 9.27 14.16 14.98
N ILE E 55 9.74 15.24 15.60
CA ILE E 55 10.38 15.18 16.90
C ILE E 55 9.43 15.83 17.91
N ASP E 56 9.00 15.05 18.90
CA ASP E 56 7.90 15.40 19.82
C ASP E 56 8.34 15.21 21.27
N GLN E 58 6.80 13.59 24.67
CA GLN E 58 5.72 12.69 25.09
C GLN E 58 5.71 12.56 26.62
N GLY E 59 4.85 11.69 27.13
CA GLY E 59 4.77 11.42 28.56
C GLY E 59 3.62 12.14 29.25
N VAL E 60 3.40 11.76 30.50
CA VAL E 60 2.41 12.40 31.38
C VAL E 60 2.85 13.82 31.70
N THR E 61 4.17 13.99 31.87
CA THR E 61 4.80 15.31 31.91
C THR E 61 5.39 15.51 30.49
N GLY E 62 6.66 15.89 30.36
CA GLY E 62 7.27 16.07 29.04
C GLY E 62 8.73 15.63 29.04
N VAL E 65 10.99 11.70 24.60
CA VAL E 65 11.11 12.31 23.28
C VAL E 65 10.98 11.21 22.26
N SER E 66 10.20 11.51 21.21
CA SER E 66 9.99 10.60 20.11
C SER E 66 10.48 11.19 18.81
N TYR E 67 11.04 10.32 17.98
CA TYR E 67 11.51 10.63 16.64
C TYR E 67 10.74 9.71 15.71
N HIS E 68 9.74 10.27 15.05
CA HIS E 68 8.91 9.51 14.13
C HIS E 68 9.38 9.75 12.69
N SER E 69 9.99 8.72 12.14
CA SER E 69 10.51 8.74 10.79
C SER E 69 9.43 8.33 9.78
N ILE E 70 9.14 9.24 8.87
CA ILE E 70 8.10 9.03 7.86
C ILE E 70 8.72 9.20 6.47
N PRO E 71 9.01 8.08 5.82
CA PRO E 71 9.46 8.17 4.45
C PRO E 71 8.42 8.90 3.59
N TYR E 72 8.87 9.70 2.62
CA TYR E 72 7.92 10.55 1.89
C TYR E 72 6.85 9.75 1.11
N ALA E 74 5.32 7.30 2.14
CA ALA E 74 4.25 6.94 3.08
C ALA E 74 3.19 8.03 3.29
N ILE E 75 3.46 9.25 2.84
CA ILE E 75 2.46 10.33 2.94
C ILE E 75 1.54 10.16 1.72
N VAL E 76 0.40 9.53 1.93
CA VAL E 76 -0.47 9.14 0.82
C VAL E 76 -1.57 10.16 0.49
N HIS E 77 -1.91 10.99 1.45
CA HIS E 77 -2.71 12.21 1.21
C HIS E 77 -2.60 13.17 2.37
N PHE E 78 -2.96 14.43 2.10
CA PHE E 78 -2.85 15.49 3.10
C PHE E 78 -3.83 16.61 2.84
N GLN E 79 -4.08 17.38 3.88
CA GLN E 79 -5.09 18.40 3.82
C GLN E 79 -4.81 19.53 4.76
N VAL E 80 -5.21 20.72 4.35
CA VAL E 80 -5.20 21.88 5.23
C VAL E 80 -6.63 22.40 5.21
N GLU E 81 -7.16 22.63 6.39
CA GLU E 81 -8.51 23.13 6.57
C GLU E 81 -8.44 24.38 7.45
N THR E 82 -9.12 25.42 7.02
CA THR E 82 -9.21 26.66 7.77
C THR E 82 -10.68 26.88 8.14
N ALA E 83 -10.91 27.57 9.25
CA ALA E 83 -12.28 27.89 9.67
C ALA E 83 -12.36 29.37 9.99
N GLY E 84 -13.37 30.05 9.45
CA GLY E 84 -13.59 31.46 9.69
C GLY E 84 -13.06 32.34 8.58
N THR E 85 -13.29 33.64 8.70
CA THR E 85 -12.79 34.63 7.74
C THR E 85 -11.59 35.40 8.38
N PHE E 86 -11.82 35.91 9.58
CA PHE E 86 -10.80 36.64 10.34
C PHE E 86 -10.31 35.84 11.53
N ASP E 87 -8.99 35.92 11.76
CA ASP E 87 -8.30 35.18 12.81
C ASP E 87 -8.67 33.69 12.70
N ASP E 89 -8.74 29.64 12.28
CA ASP E 89 -8.12 28.43 12.74
C ASP E 89 -7.62 27.74 11.44
N ALA E 90 -6.53 26.99 11.58
CA ALA E 90 -6.01 26.18 10.49
C ALA E 90 -5.46 24.89 11.06
N GLU E 91 -5.74 23.79 10.36
CA GLU E 91 -5.35 22.48 10.81
C GLU E 91 -4.77 21.70 9.65
N LEU E 92 -3.63 21.07 9.88
CA LEU E 92 -3.01 20.20 8.92
C LEU E 92 -3.33 18.74 9.29
N LEU E 94 -2.20 14.87 7.91
CA LEU E 94 -1.28 14.10 7.10
CA LEU E 94 -1.26 14.06 7.12
C LEU E 94 -1.64 12.60 7.34
N TRP E 95 -2.06 11.94 6.27
CA TRP E 95 -2.43 10.54 6.34
C TRP E 95 -1.21 9.72 5.93
N ILE E 96 -0.85 8.79 6.79
CA ILE E 96 0.27 7.89 6.61
C ILE E 96 -0.28 6.55 6.17
N SER E 97 0.32 6.00 5.12
CA SER E 97 -0.05 4.71 4.62
C SER E 97 -0.22 3.70 5.75
N GLY E 98 -1.33 2.99 5.73
CA GLY E 98 -1.64 1.92 6.70
C GLY E 98 -2.33 2.37 7.98
N GLN E 99 -2.42 3.68 8.20
CA GLN E 99 -3.06 4.29 9.37
C GLN E 99 -4.41 4.94 8.99
N HIS E 100 -5.50 4.52 9.62
CA HIS E 100 -6.80 5.12 9.36
C HIS E 100 -6.91 6.58 9.84
N GLU E 101 -6.32 6.90 10.97
CA GLU E 101 -6.38 8.26 11.49
C GLU E 101 -5.24 9.09 10.94
N PRO E 102 -5.49 10.35 10.61
CA PRO E 102 -4.40 11.20 10.17
C PRO E 102 -3.56 11.76 11.34
N LEU E 103 -2.31 12.15 11.11
CA LEU E 103 -1.61 13.04 12.06
C LEU E 103 -2.33 14.37 11.93
N VAL E 104 -2.58 15.04 13.06
CA VAL E 104 -3.31 16.30 13.07
C VAL E 104 -2.47 17.31 13.80
N GLU E 106 -2.23 21.56 14.66
CA GLU E 106 -2.74 22.93 14.59
C GLU E 106 -1.70 23.80 13.89
N LEU E 107 -2.14 24.67 12.98
CA LEU E 107 -1.24 25.61 12.32
C LEU E 107 -1.49 26.91 13.08
N ARG E 109 -1.32 30.46 15.35
CA ARG E 109 -1.01 31.86 15.19
C ARG E 109 0.45 31.99 15.64
N GLY E 110 1.35 31.59 14.74
CA GLY E 110 2.78 31.37 15.03
C GLY E 110 3.49 30.34 14.11
N THR E 111 2.74 29.52 13.37
CA THR E 111 3.33 28.55 12.42
C THR E 111 3.35 29.13 11.00
N ASP E 112 4.32 28.70 10.18
CA ASP E 112 4.37 29.10 8.76
C ASP E 112 3.35 28.23 8.02
N VAL E 113 2.14 28.75 7.92
CA VAL E 113 1.00 28.02 7.38
C VAL E 113 1.20 27.62 5.92
N VAL E 114 1.65 28.57 5.12
CA VAL E 114 1.83 28.38 3.68
C VAL E 114 3.10 27.60 3.38
N GLY E 115 4.20 27.93 4.07
CA GLY E 115 5.48 27.27 3.84
C GLY E 115 5.45 25.77 4.04
N ILE E 116 4.86 25.34 5.15
CA ILE E 116 4.79 23.94 5.48
C ILE E 116 3.93 23.19 4.43
N GLN E 117 2.86 23.82 3.94
CA GLN E 117 2.04 23.16 2.90
C GLN E 117 2.84 23.00 1.62
N THR E 119 6.08 22.83 1.38
CA THR E 119 7.14 21.88 1.62
C THR E 119 6.60 20.46 1.59
N ILE E 120 5.51 20.20 2.31
CA ILE E 120 4.89 18.87 2.28
C ILE E 120 4.59 18.48 0.82
N ALA E 121 3.99 19.39 0.04
CA ALA E 121 3.74 19.16 -1.38
C ALA E 121 5.02 18.82 -2.16
N ARG E 122 6.05 19.62 -1.91
CA ARG E 122 7.32 19.46 -2.61
C ARG E 122 7.87 18.04 -2.41
N TYR E 123 7.83 17.52 -1.20
CA TYR E 123 8.42 16.21 -0.92
C TYR E 123 7.49 15.02 -1.19
N ALA E 124 6.21 15.19 -0.95
CA ALA E 124 5.24 14.13 -1.10
C ALA E 124 4.91 13.88 -2.57
N LEU E 125 4.96 14.93 -3.39
CA LEU E 125 4.65 14.81 -4.81
C LEU E 125 5.92 14.55 -5.61
N GLY E 126 7.08 14.91 -5.04
CA GLY E 126 8.36 14.77 -5.75
C GLY E 126 8.56 15.85 -6.80
#